data_6Q53
#
_entry.id   6Q53
#
_cell.length_a   177.240
_cell.length_b   177.240
_cell.length_c   177.240
_cell.angle_alpha   90.00
_cell.angle_beta   90.00
_cell.angle_gamma   90.00
#
_symmetry.space_group_name_H-M   'P 4 3 2'
#
loop_
_entity.id
_entity.type
_entity.pdbx_description
1 polymer 'light-harvesting protein subunit alpha'
2 polymer 'Light-harvesting protein B:800-850 subunit beta'
3 non-polymer 'BACTERIOCHLOROPHYLL A'
4 non-polymer LYCOPENE
5 non-polymer UNDECYLAMINE-N,N-DIMETHYL-N-OXIDE
#
loop_
_entity_poly.entity_id
_entity_poly.type
_entity_poly.pdbx_seq_one_letter_code
_entity_poly.pdbx_strand_id
1 'polypeptide(L)' MSEYRPSRPSNPRDDWKLWLVVNPGTWLIPLLITFLATALIVHSFVFTHEAYNPLTYEVSE A,D
2 'polypeptide(L)' MENSISGLTEEQAKEFHEQFKVVFTTFVVLAAAAHFLVFLWRPWF B,E
#
# COMPACT_ATOMS: atom_id res chain seq x y z
N TYR A 4 5.28 28.49 -4.23
CA TYR A 4 5.83 28.53 -5.58
C TYR A 4 5.55 27.29 -6.42
N ARG A 5 6.51 26.42 -6.56
CA ARG A 5 6.37 25.36 -7.49
C ARG A 5 5.23 24.41 -7.39
N PRO A 6 4.55 24.12 -8.51
CA PRO A 6 3.60 22.99 -8.61
C PRO A 6 4.02 21.94 -9.65
N SER A 7 3.17 20.97 -9.99
CA SER A 7 3.69 19.75 -10.62
C SER A 7 2.58 18.83 -11.13
N ARG A 8 2.92 17.66 -11.68
CA ARG A 8 1.89 16.66 -11.99
C ARG A 8 2.52 15.28 -12.11
N PRO A 9 1.68 14.16 -11.88
CA PRO A 9 2.16 12.80 -12.18
C PRO A 9 1.31 12.19 -13.27
N SER A 10 1.53 10.91 -13.51
CA SER A 10 0.78 10.11 -14.48
C SER A 10 1.35 8.72 -14.49
N ASN A 11 0.83 7.86 -13.62
CA ASN A 11 1.27 6.48 -13.59
C ASN A 11 0.16 5.66 -14.24
N PRO A 12 0.35 4.35 -14.46
CA PRO A 12 1.51 3.50 -14.15
C PRO A 12 2.85 3.86 -14.86
N ARG A 13 2.85 4.83 -15.79
CA ARG A 13 4.12 5.34 -16.34
C ARG A 13 5.10 5.77 -15.25
N ASP A 14 4.76 6.80 -14.50
CA ASP A 14 5.64 7.33 -13.46
C ASP A 14 5.88 6.37 -12.28
N ASP A 15 5.37 5.13 -12.36
CA ASP A 15 5.48 4.18 -11.24
C ASP A 15 6.90 4.04 -10.72
N TRP A 16 7.87 4.01 -11.63
CA TRP A 16 9.24 3.69 -11.25
C TRP A 16 9.86 4.80 -10.43
N LYS A 17 9.35 6.02 -10.56
CA LYS A 17 9.81 7.10 -9.69
C LYS A 17 9.62 6.76 -8.22
N LEU A 18 9.01 5.61 -7.93
CA LEU A 18 8.96 5.10 -6.57
C LEU A 18 10.36 4.96 -6.01
N TRP A 19 11.23 4.29 -6.76
CA TRP A 19 12.56 4.00 -6.23
C TRP A 19 13.47 5.21 -6.23
N LEU A 20 12.96 6.38 -6.64
CA LEU A 20 13.55 7.67 -6.31
C LEU A 20 13.16 8.15 -4.92
N VAL A 21 12.28 7.41 -4.23
CA VAL A 21 11.88 7.71 -2.87
C VAL A 21 12.30 6.59 -1.95
N VAL A 22 12.00 5.35 -2.35
CA VAL A 22 12.15 4.16 -1.52
C VAL A 22 13.35 3.37 -2.04
N ASN A 23 14.37 3.28 -1.24
CA ASN A 23 15.56 2.58 -1.68
C ASN A 23 15.36 1.07 -1.54
N PRO A 24 15.48 0.30 -2.61
CA PRO A 24 15.28 -1.15 -2.48
C PRO A 24 16.34 -1.86 -1.65
N GLY A 25 17.60 -1.43 -1.70
CA GLY A 25 18.61 -2.09 -0.89
C GLY A 25 18.30 -2.05 0.59
N THR A 26 17.53 -1.06 1.03
CA THR A 26 17.03 -0.96 2.40
C THR A 26 15.64 -1.55 2.57
N TRP A 27 14.76 -1.46 1.57
CA TRP A 27 13.34 -1.74 1.78
C TRP A 27 12.76 -2.90 0.96
N LEU A 28 13.53 -3.56 0.10
CA LEU A 28 12.90 -4.58 -0.74
C LEU A 28 12.52 -5.78 0.09
N ILE A 29 13.49 -6.41 0.72
CA ILE A 29 13.21 -7.54 1.58
C ILE A 29 12.19 -7.17 2.67
N PRO A 30 12.30 -6.03 3.38
CA PRO A 30 11.26 -5.67 4.35
C PRO A 30 9.84 -5.73 3.80
N LEU A 31 9.65 -5.51 2.51
CA LEU A 31 8.30 -5.57 2.01
C LEU A 31 7.98 -6.89 1.34
N LEU A 32 8.98 -7.57 0.78
CA LEU A 32 8.78 -8.98 0.47
C LEU A 32 8.45 -9.74 1.73
N ILE A 33 9.02 -9.34 2.86
CA ILE A 33 8.72 -9.99 4.13
C ILE A 33 7.28 -9.74 4.54
N THR A 34 6.82 -8.50 4.47
CA THR A 34 5.44 -8.28 4.88
C THR A 34 4.40 -8.89 3.94
N PHE A 35 4.80 -9.50 2.83
CA PHE A 35 3.82 -10.28 2.09
C PHE A 35 3.67 -11.65 2.70
N LEU A 36 4.78 -12.30 3.01
CA LEU A 36 4.70 -13.44 3.90
C LEU A 36 3.74 -13.10 5.01
N ALA A 37 4.07 -12.06 5.80
CA ALA A 37 3.24 -11.71 6.93
C ALA A 37 1.77 -11.65 6.51
N THR A 38 1.48 -11.00 5.38
CA THR A 38 0.11 -11.06 4.88
C THR A 38 -0.26 -12.49 4.50
N ALA A 39 0.56 -13.14 3.68
CA ALA A 39 0.13 -14.43 3.14
C ALA A 39 -0.01 -15.49 4.21
N LEU A 40 0.72 -15.35 5.31
CA LEU A 40 0.50 -16.22 6.46
C LEU A 40 -0.79 -15.87 7.17
N ILE A 41 -1.09 -14.58 7.29
CA ILE A 41 -2.28 -14.17 8.01
C ILE A 41 -3.53 -14.66 7.27
N VAL A 42 -3.49 -14.67 5.94
CA VAL A 42 -4.61 -15.19 5.17
C VAL A 42 -4.76 -16.68 5.39
N HIS A 43 -3.68 -17.43 5.18
CA HIS A 43 -3.74 -18.88 5.35
C HIS A 43 -4.35 -19.26 6.69
N SER A 44 -3.87 -18.63 7.76
CA SER A 44 -4.40 -18.95 9.08
C SER A 44 -5.92 -18.82 9.11
N PHE A 45 -6.43 -17.74 8.55
CA PHE A 45 -7.87 -17.56 8.64
C PHE A 45 -8.65 -18.52 7.75
N VAL A 46 -8.03 -19.18 6.79
CA VAL A 46 -8.72 -20.21 6.04
C VAL A 46 -8.26 -21.61 6.42
N PHE A 47 -6.97 -21.81 6.74
CA PHE A 47 -6.56 -23.13 7.22
C PHE A 47 -7.30 -23.49 8.49
N THR A 48 -7.62 -22.49 9.32
CA THR A 48 -8.45 -22.73 10.50
C THR A 48 -9.85 -23.15 10.12
N HIS A 49 -10.33 -22.75 8.96
CA HIS A 49 -11.62 -23.25 8.53
C HIS A 49 -11.44 -24.70 8.11
N GLU A 50 -11.90 -25.61 8.97
CA GLU A 50 -11.42 -26.98 8.87
C GLU A 50 -11.80 -27.64 7.56
N ALA A 51 -12.75 -27.06 6.79
CA ALA A 51 -13.13 -27.65 5.51
C ALA A 51 -12.08 -27.41 4.44
N TYR A 52 -11.37 -26.27 4.52
CA TYR A 52 -10.47 -25.80 3.47
C TYR A 52 -9.01 -26.08 3.75
N ASN A 53 -8.66 -27.20 4.34
CA ASN A 53 -7.24 -27.53 4.41
C ASN A 53 -7.05 -28.96 3.98
N PRO A 54 -5.87 -29.30 3.55
CA PRO A 54 -5.62 -30.63 3.01
C PRO A 54 -5.65 -31.74 4.03
N LEU A 55 -5.18 -31.44 5.23
CA LEU A 55 -5.19 -32.47 6.23
C LEU A 55 -6.62 -32.74 6.64
N THR A 56 -7.38 -31.70 6.98
CA THR A 56 -8.76 -31.81 7.47
C THR A 56 -9.01 -33.13 8.19
N TYR A 57 -8.17 -33.43 9.19
CA TYR A 57 -8.23 -34.61 10.05
C TYR A 57 -8.01 -35.93 9.32
N ASN B 3 21.42 13.97 -5.97
CA ASN B 3 20.68 12.87 -5.35
C ASN B 3 19.17 12.99 -5.45
N SER B 4 18.55 11.83 -5.33
CA SER B 4 17.12 11.68 -5.10
C SER B 4 16.89 11.39 -3.62
N ILE B 5 15.62 11.34 -3.22
CA ILE B 5 15.32 10.99 -1.82
C ILE B 5 15.87 9.61 -1.50
N SER B 6 15.77 8.69 -2.44
CA SER B 6 16.27 7.35 -2.22
C SER B 6 17.72 7.19 -2.62
N GLY B 7 18.30 8.18 -3.29
CA GLY B 7 19.68 8.13 -3.73
C GLY B 7 19.94 7.27 -4.96
N LEU B 8 19.00 6.42 -5.36
CA LEU B 8 19.16 5.72 -6.62
C LEU B 8 19.23 6.72 -7.76
N THR B 9 19.51 6.21 -8.95
CA THR B 9 19.54 7.00 -10.17
C THR B 9 18.34 6.68 -11.04
N GLU B 10 18.16 7.48 -12.07
CA GLU B 10 17.09 7.24 -13.02
C GLU B 10 17.18 5.81 -13.55
N GLU B 11 18.39 5.32 -13.76
CA GLU B 11 18.53 3.99 -14.34
C GLU B 11 18.26 2.92 -13.30
N GLN B 12 18.85 3.06 -12.13
CA GLN B 12 18.57 2.09 -11.09
C GLN B 12 17.09 2.09 -10.72
N ALA B 13 16.50 3.28 -10.60
CA ALA B 13 15.06 3.33 -10.41
C ALA B 13 14.32 2.65 -11.53
N LYS B 14 14.87 2.66 -12.74
CA LYS B 14 14.14 2.05 -13.85
C LYS B 14 14.50 0.59 -14.04
N GLU B 15 15.79 0.25 -13.96
CA GLU B 15 16.17 -1.15 -14.16
C GLU B 15 15.56 -2.05 -13.10
N PHE B 16 15.58 -1.59 -11.85
CA PHE B 16 14.96 -2.33 -10.76
C PHE B 16 13.48 -2.51 -11.00
N HIS B 17 12.74 -1.40 -11.20
CA HIS B 17 11.31 -1.49 -11.42
C HIS B 17 10.95 -2.56 -12.44
N GLU B 18 11.81 -2.78 -13.43
CA GLU B 18 11.55 -3.81 -14.43
C GLU B 18 11.51 -5.21 -13.82
N GLN B 19 12.57 -5.61 -13.12
CA GLN B 19 12.59 -6.92 -12.49
C GLN B 19 11.46 -7.05 -11.49
N PHE B 20 11.14 -5.96 -10.81
CA PHE B 20 10.03 -5.98 -9.87
C PHE B 20 8.73 -6.30 -10.57
N LYS B 21 8.36 -5.50 -11.58
CA LYS B 21 7.20 -5.83 -12.41
C LYS B 21 7.27 -7.27 -12.89
N VAL B 22 8.43 -7.67 -13.41
CA VAL B 22 8.57 -9.00 -13.99
C VAL B 22 8.29 -10.06 -12.93
N VAL B 23 8.88 -9.92 -11.75
CA VAL B 23 8.67 -10.93 -10.72
C VAL B 23 7.27 -10.83 -10.15
N PHE B 24 6.82 -9.59 -9.88
CA PHE B 24 5.44 -9.37 -9.49
C PHE B 24 4.46 -10.07 -10.41
N THR B 25 4.53 -9.80 -11.72
CA THR B 25 3.57 -10.39 -12.64
C THR B 25 3.55 -11.90 -12.50
N THR B 26 4.69 -12.56 -12.73
CA THR B 26 4.72 -14.01 -12.61
C THR B 26 4.39 -14.47 -11.19
N PHE B 27 4.45 -13.57 -10.21
CA PHE B 27 3.84 -13.90 -8.94
C PHE B 27 2.34 -13.71 -8.94
N VAL B 28 1.83 -12.60 -9.45
CA VAL B 28 0.39 -12.36 -9.34
C VAL B 28 -0.24 -13.09 -10.50
N VAL B 29 0.54 -13.92 -11.19
CA VAL B 29 -0.01 -14.84 -12.16
C VAL B 29 -0.12 -16.21 -11.54
N LEU B 30 1.00 -16.72 -11.02
CA LEU B 30 0.92 -17.83 -10.06
C LEU B 30 -0.19 -17.58 -9.05
N ALA B 31 -0.20 -16.38 -8.45
CA ALA B 31 -1.24 -16.07 -7.47
C ALA B 31 -2.61 -16.18 -8.10
N ALA B 32 -2.77 -15.65 -9.30
CA ALA B 32 -4.04 -15.81 -9.99
C ALA B 32 -4.37 -17.29 -10.16
N ALA B 33 -3.37 -18.09 -10.53
CA ALA B 33 -3.58 -19.50 -10.82
C ALA B 33 -4.20 -20.23 -9.63
N ALA B 34 -3.56 -20.13 -8.46
CA ALA B 34 -3.97 -20.90 -7.29
C ALA B 34 -5.46 -20.79 -7.00
N HIS B 35 -6.00 -19.58 -7.04
CA HIS B 35 -7.40 -19.40 -6.69
C HIS B 35 -8.29 -20.25 -7.58
N PHE B 36 -7.96 -20.32 -8.86
CA PHE B 36 -8.66 -21.22 -9.73
C PHE B 36 -8.79 -22.60 -9.09
N LEU B 37 -7.65 -23.19 -8.73
CA LEU B 37 -7.67 -24.58 -8.25
C LEU B 37 -8.41 -24.68 -6.92
N VAL B 38 -8.09 -23.81 -5.97
CA VAL B 38 -8.81 -23.81 -4.71
C VAL B 38 -10.31 -23.78 -4.97
N PHE B 39 -10.74 -22.90 -5.86
CA PHE B 39 -12.15 -22.87 -6.22
C PHE B 39 -12.61 -24.22 -6.71
N LEU B 40 -11.78 -24.92 -7.48
CA LEU B 40 -12.19 -26.26 -7.88
C LEU B 40 -12.11 -27.22 -6.71
N TRP B 41 -11.05 -27.12 -5.91
CA TRP B 41 -10.88 -28.03 -4.79
C TRP B 41 -11.88 -27.74 -3.67
N ARG B 42 -12.48 -26.57 -3.69
CA ARG B 42 -13.28 -26.14 -2.56
C ARG B 42 -13.78 -24.73 -2.81
N PRO B 43 -14.80 -24.57 -3.66
CA PRO B 43 -15.32 -23.23 -3.99
C PRO B 43 -15.85 -22.51 -2.77
N TRP B 44 -16.26 -21.25 -2.89
CA TRP B 44 -16.62 -20.57 -1.66
C TRP B 44 -17.83 -19.62 -1.72
N PHE B 45 -17.78 -18.62 -2.61
CA PHE B 45 -18.80 -17.58 -2.60
C PHE B 45 -20.23 -18.09 -2.92
N MET C 1 10.30 44.50 22.54
CA MET C 1 9.83 44.74 21.17
C MET C 1 10.28 43.67 20.16
N SER C 2 9.91 42.41 20.46
CA SER C 2 10.38 41.26 19.69
C SER C 2 9.55 40.02 20.01
N GLU C 3 9.10 39.30 18.99
CA GLU C 3 8.51 37.97 19.16
C GLU C 3 8.50 37.29 17.81
N TYR C 4 8.33 35.96 17.80
CA TYR C 4 8.19 35.17 16.57
C TYR C 4 6.96 34.28 16.66
N ARG C 5 5.85 34.64 16.03
CA ARG C 5 4.63 33.84 16.06
C ARG C 5 4.41 33.22 14.69
N PRO C 6 3.92 31.99 14.62
CA PRO C 6 3.76 31.31 13.34
C PRO C 6 2.40 31.50 12.68
N SER C 7 2.42 31.46 11.36
CA SER C 7 1.23 31.62 10.53
C SER C 7 0.22 30.53 10.83
N ARG C 8 -1.00 30.93 11.13
CA ARG C 8 -2.08 29.99 11.35
C ARG C 8 -2.25 29.27 10.02
N PRO C 9 -1.97 27.96 9.93
CA PRO C 9 -2.00 27.30 8.62
C PRO C 9 -3.40 26.81 8.25
N SER C 10 -3.89 27.20 7.08
CA SER C 10 -5.15 26.65 6.60
C SER C 10 -4.80 25.47 5.69
N ASN C 11 -5.26 24.28 6.10
CA ASN C 11 -5.23 23.04 5.32
C ASN C 11 -6.45 22.95 4.44
N PRO C 12 -6.36 22.18 3.34
CA PRO C 12 -5.14 21.46 2.96
C PRO C 12 -4.16 22.25 2.08
N ARG C 13 -4.29 23.59 2.05
CA ARG C 13 -3.36 24.43 1.27
C ARG C 13 -1.90 24.04 1.59
N ASP C 14 -1.54 24.02 2.88
CA ASP C 14 -0.19 23.73 3.38
C ASP C 14 0.09 22.22 3.57
N ASP C 15 -0.73 21.34 2.99
CA ASP C 15 -0.66 19.93 3.34
C ASP C 15 0.71 19.33 3.03
N TRP C 16 1.32 19.74 1.92
CA TRP C 16 2.57 19.14 1.45
C TRP C 16 3.69 19.36 2.45
N LYS C 17 3.62 20.43 3.23
CA LYS C 17 4.70 20.79 4.12
C LYS C 17 5.05 19.67 5.08
N LEU C 18 4.24 18.60 5.11
CA LEU C 18 4.58 17.45 5.93
C LEU C 18 5.92 16.88 5.53
N TRP C 19 6.12 16.73 4.23
CA TRP C 19 7.34 16.04 3.81
C TRP C 19 8.58 16.88 3.98
N LEU C 20 8.43 18.15 4.39
CA LEU C 20 9.56 18.87 4.96
C LEU C 20 9.89 18.37 6.35
N VAL C 21 8.97 17.65 6.99
CA VAL C 21 9.19 17.11 8.32
C VAL C 21 9.40 15.61 8.28
N VAL C 22 8.62 14.90 7.48
CA VAL C 22 8.72 13.45 7.39
C VAL C 22 9.45 13.09 6.11
N ASN C 23 10.56 12.38 6.23
CA ASN C 23 11.26 12.03 5.01
C ASN C 23 10.68 10.78 4.39
N PRO C 24 9.93 10.89 3.29
CA PRO C 24 9.26 9.71 2.73
C PRO C 24 10.20 8.59 2.39
N GLY C 25 11.42 8.89 1.99
CA GLY C 25 12.41 7.86 1.77
C GLY C 25 12.61 6.95 2.98
N THR C 26 12.34 7.45 4.18
CA THR C 26 12.42 6.67 5.42
C THR C 26 11.07 6.17 5.89
N TRP C 27 9.99 6.89 5.55
CA TRP C 27 8.69 6.65 6.17
C TRP C 27 7.59 6.26 5.22
N LEU C 28 7.79 6.33 3.91
CA LEU C 28 6.68 6.00 3.04
C LEU C 28 6.28 4.57 3.26
N ILE C 29 7.25 3.69 3.44
CA ILE C 29 6.93 2.28 3.51
C ILE C 29 6.47 1.93 4.93
N PRO C 30 7.11 2.39 6.02
CA PRO C 30 6.48 2.24 7.33
C PRO C 30 4.98 2.58 7.29
N LEU C 31 4.62 3.72 6.70
CA LEU C 31 3.21 4.08 6.50
C LEU C 31 2.44 2.99 5.81
N LEU C 32 2.77 2.78 4.53
CA LEU C 32 2.13 1.74 3.76
C LEU C 32 2.08 0.43 4.53
N ILE C 33 3.13 0.10 5.27
CA ILE C 33 3.08 -1.15 6.02
C ILE C 33 2.02 -1.09 7.11
N THR C 34 1.79 0.08 7.70
CA THR C 34 0.82 0.12 8.78
C THR C 34 -0.62 0.20 8.29
N PHE C 35 -0.87 0.82 7.13
CA PHE C 35 -2.19 0.68 6.56
C PHE C 35 -2.52 -0.78 6.30
N LEU C 36 -1.51 -1.57 5.94
CA LEU C 36 -1.68 -3.02 5.90
C LEU C 36 -2.02 -3.58 7.26
N ALA C 37 -1.19 -3.29 8.29
CA ALA C 37 -1.51 -3.80 9.62
C ALA C 37 -2.94 -3.43 9.98
N THR C 38 -3.38 -2.21 9.65
CA THR C 38 -4.78 -1.87 9.87
C THR C 38 -5.70 -2.74 9.05
N ALA C 39 -5.50 -2.79 7.73
CA ALA C 39 -6.41 -3.55 6.88
C ALA C 39 -6.53 -4.99 7.36
N LEU C 40 -5.41 -5.62 7.72
CA LEU C 40 -5.44 -6.99 8.22
C LEU C 40 -6.31 -7.12 9.45
N ILE C 41 -6.26 -6.12 10.33
CA ILE C 41 -7.00 -6.24 11.57
C ILE C 41 -8.49 -6.11 11.33
N VAL C 42 -8.92 -5.01 10.74
CA VAL C 42 -10.32 -4.85 10.34
C VAL C 42 -10.82 -6.09 9.61
N HIS C 43 -9.97 -6.68 8.77
CA HIS C 43 -10.39 -7.90 8.09
C HIS C 43 -10.74 -9.00 9.07
N SER C 44 -9.82 -9.31 9.97
CA SER C 44 -10.09 -10.31 10.99
C SER C 44 -11.44 -10.12 11.66
N PHE C 45 -11.72 -8.91 12.15
CA PHE C 45 -12.92 -8.70 12.95
C PHE C 45 -14.20 -8.94 12.16
N VAL C 46 -14.19 -8.72 10.85
CA VAL C 46 -15.40 -8.97 10.08
C VAL C 46 -15.32 -10.36 9.48
N PHE C 47 -14.10 -10.83 9.21
CA PHE C 47 -13.96 -12.21 8.73
C PHE C 47 -14.44 -13.21 9.79
N THR C 48 -14.48 -12.82 11.05
CA THR C 48 -14.79 -13.81 12.07
C THR C 48 -16.29 -14.00 12.28
N HIS C 49 -17.12 -12.99 12.05
CA HIS C 49 -18.56 -13.22 12.09
C HIS C 49 -18.94 -13.73 10.71
N GLU C 50 -18.95 -15.06 10.59
CA GLU C 50 -19.08 -15.81 9.35
C GLU C 50 -20.13 -15.29 8.39
N ALA C 51 -21.07 -14.49 8.88
CA ALA C 51 -22.05 -13.90 7.99
C ALA C 51 -21.35 -13.14 6.85
N TYR C 52 -20.19 -12.54 7.14
CA TYR C 52 -19.40 -11.75 6.19
C TYR C 52 -18.16 -12.48 5.70
N ASN C 53 -17.90 -13.68 6.17
CA ASN C 53 -16.89 -14.58 5.62
C ASN C 53 -17.38 -15.29 4.34
N PRO C 54 -16.58 -15.30 3.27
CA PRO C 54 -16.98 -15.95 2.01
C PRO C 54 -16.82 -17.46 1.95
N LEU C 55 -16.44 -18.14 3.02
CA LEU C 55 -16.24 -19.59 2.91
C LEU C 55 -17.52 -20.34 3.26
N THR C 56 -17.80 -20.46 4.57
CA THR C 56 -18.95 -21.12 5.17
C THR C 56 -19.26 -22.47 4.48
N TYR C 57 -18.50 -23.51 4.86
CA TYR C 57 -18.55 -24.88 4.30
C TYR C 57 -18.27 -24.83 2.79
N ASN D 3 17.84 23.97 4.24
CA ASN D 3 17.46 22.60 4.61
C ASN D 3 16.44 22.57 5.74
N SER D 4 15.51 21.61 5.64
CA SER D 4 14.35 21.41 6.50
C SER D 4 14.60 20.22 7.42
N ILE D 5 13.55 19.79 8.14
CA ILE D 5 13.74 18.63 9.00
C ILE D 5 13.88 17.36 8.19
N SER D 6 12.92 17.09 7.30
CA SER D 6 13.05 15.91 6.46
C SER D 6 14.26 16.00 5.54
N GLY D 7 14.66 17.20 5.16
CA GLY D 7 15.78 17.40 4.27
C GLY D 7 15.40 17.49 2.80
N LEU D 8 14.14 17.26 2.45
CA LEU D 8 13.76 17.40 1.06
C LEU D 8 13.72 18.88 0.67
N THR D 9 13.70 19.13 -0.63
CA THR D 9 13.40 20.44 -1.19
C THR D 9 11.90 20.75 -1.08
N GLU D 10 11.54 22.00 -1.37
CA GLU D 10 10.16 22.29 -1.71
C GLU D 10 9.70 21.44 -2.88
N GLU D 11 10.55 21.32 -3.90
CA GLU D 11 10.19 20.65 -5.14
C GLU D 11 10.05 19.15 -4.96
N GLN D 12 10.81 18.56 -4.04
CA GLN D 12 10.65 17.14 -3.79
C GLN D 12 9.40 16.90 -2.98
N ALA D 13 9.21 17.66 -1.91
CA ALA D 13 7.99 17.52 -1.12
C ALA D 13 6.77 17.70 -2.00
N LYS D 14 6.77 18.71 -2.86
CA LYS D 14 5.63 18.93 -3.72
C LYS D 14 5.51 17.88 -4.83
N GLU D 15 6.62 17.52 -5.48
CA GLU D 15 6.53 16.48 -6.50
C GLU D 15 6.11 15.15 -5.86
N PHE D 16 6.70 14.81 -4.71
CA PHE D 16 6.27 13.61 -3.99
C PHE D 16 4.79 13.66 -3.68
N HIS D 17 4.36 14.71 -2.97
CA HIS D 17 3.00 14.77 -2.46
C HIS D 17 1.98 14.48 -3.56
N GLU D 18 2.26 14.94 -4.79
CA GLU D 18 1.42 14.62 -5.95
C GLU D 18 1.12 13.14 -6.11
N GLN D 19 2.18 12.34 -6.29
CA GLN D 19 2.00 10.89 -6.41
C GLN D 19 1.32 10.32 -5.18
N PHE D 20 1.65 10.85 -4.00
CA PHE D 20 0.97 10.39 -2.80
C PHE D 20 -0.53 10.58 -2.91
N LYS D 21 -0.98 11.84 -2.98
CA LYS D 21 -2.42 12.07 -3.01
C LYS D 21 -3.07 11.47 -4.26
N VAL D 22 -2.33 11.35 -5.37
CA VAL D 22 -2.89 10.66 -6.53
C VAL D 22 -3.08 9.19 -6.22
N VAL D 23 -2.03 8.53 -5.76
CA VAL D 23 -2.18 7.14 -5.32
C VAL D 23 -3.29 7.03 -4.28
N PHE D 24 -3.25 7.90 -3.25
CA PHE D 24 -4.21 7.85 -2.15
C PHE D 24 -5.64 7.82 -2.66
N THR D 25 -5.99 8.73 -3.56
CA THR D 25 -7.37 8.83 -3.96
C THR D 25 -7.85 7.56 -4.65
N THR D 26 -7.11 7.09 -5.66
CA THR D 26 -7.54 5.89 -6.34
C THR D 26 -7.62 4.74 -5.37
N PHE D 27 -6.73 4.74 -4.38
CA PHE D 27 -6.89 3.79 -3.31
C PHE D 27 -8.20 4.04 -2.59
N VAL D 28 -8.42 5.26 -2.11
CA VAL D 28 -9.62 5.50 -1.32
C VAL D 28 -10.84 5.41 -2.21
N VAL D 29 -10.67 5.49 -3.52
CA VAL D 29 -11.79 5.26 -4.41
C VAL D 29 -12.04 3.76 -4.56
N LEU D 30 -11.01 3.01 -4.95
CA LEU D 30 -11.06 1.55 -4.90
C LEU D 30 -11.65 1.05 -3.59
N ALA D 31 -11.18 1.59 -2.47
CA ALA D 31 -11.71 1.20 -1.17
C ALA D 31 -13.19 1.54 -1.04
N ALA D 32 -13.56 2.78 -1.40
CA ALA D 32 -14.96 3.15 -1.32
C ALA D 32 -15.85 2.21 -2.11
N ALA D 33 -15.32 1.63 -3.18
CA ALA D 33 -16.10 0.75 -4.04
C ALA D 33 -16.47 -0.54 -3.32
N ALA D 34 -15.50 -1.14 -2.62
CA ALA D 34 -15.71 -2.45 -2.02
C ALA D 34 -16.80 -2.40 -0.94
N HIS D 35 -16.87 -1.30 -0.18
CA HIS D 35 -17.96 -1.14 0.77
C HIS D 35 -19.32 -1.18 0.08
N PHE D 36 -19.42 -0.57 -1.08
CA PHE D 36 -20.62 -0.80 -1.88
C PHE D 36 -20.88 -2.29 -2.01
N LEU D 37 -19.97 -3.01 -2.67
CA LEU D 37 -20.16 -4.43 -2.94
C LEU D 37 -20.57 -5.19 -1.70
N VAL D 38 -19.72 -5.17 -0.69
CA VAL D 38 -20.07 -5.79 0.58
C VAL D 38 -21.50 -5.43 0.98
N PHE D 39 -21.85 -4.13 0.94
CA PHE D 39 -23.20 -3.81 1.37
C PHE D 39 -24.25 -4.48 0.50
N LEU D 40 -24.03 -4.54 -0.81
CA LEU D 40 -24.90 -5.37 -1.63
C LEU D 40 -24.84 -6.81 -1.16
N TRP D 41 -23.62 -7.32 -1.02
CA TRP D 41 -23.42 -8.72 -0.73
C TRP D 41 -23.89 -9.09 0.67
N ARG D 42 -23.51 -8.28 1.65
CA ARG D 42 -23.88 -8.47 3.05
C ARG D 42 -24.14 -7.12 3.69
N PRO D 43 -25.35 -6.63 3.63
CA PRO D 43 -25.65 -5.36 4.28
C PRO D 43 -25.27 -5.37 5.75
N TRP D 44 -25.00 -4.21 6.33
CA TRP D 44 -24.80 -4.14 7.78
C TRP D 44 -25.48 -2.87 8.31
N PHE D 45 -25.43 -2.72 9.64
CA PHE D 45 -25.96 -1.56 10.38
C PHE D 45 -27.47 -1.60 10.47
#